data_4G7X
#
_entry.id   4G7X
#
_cell.length_a   43.380
_cell.length_b   46.160
_cell.length_c   101.630
_cell.angle_alpha   90.00
_cell.angle_beta   90.00
_cell.angle_gamma   90.00
#
_symmetry.space_group_name_H-M   'P 21 21 21'
#
loop_
_entity.id
_entity.type
_entity.pdbx_description
1 polymer 'Putative uncharacterized protein'
2 polymer 'TolA protein'
3 water water
#
loop_
_entity_poly.entity_id
_entity_poly.type
_entity_poly.pdbx_seq_one_letter_code
_entity_poly.pdbx_strand_id
1 'polypeptide(L)'
;GSHMPSVTASAINCDPNTTTSHQLLFGFGSPIVQSVLFDGCMLDIEKDDYGFVWSCLSNENGDYCKGLYKPRFTQGVSPN
WPMCDLSGASAERCIYPYCPEGEEC
;
A
2 'polypeptide(L)'
;MGSSHHHHHHSSGLVPRGSHMPNDIFGSLSEESQQNNAARQQFVTSEVGRYGAIYTQLIRQNLLVEDSFRGKQCRVNLKL
IPTGTGALLGSLTVLDGDSRLCAATKRAVAQVNSFPLPKDQPDVVEKLKNINLTVAPE
;
B
#
# COMPACT_ATOMS: atom_id res chain seq x y z
N ILE A 12 -6.75 -11.52 -2.38
CA ILE A 12 -7.40 -10.66 -1.35
C ILE A 12 -8.10 -11.49 -0.27
N ASN A 13 -7.78 -11.18 0.99
CA ASN A 13 -8.43 -11.77 2.14
C ASN A 13 -9.68 -10.97 2.52
N CYS A 14 -10.86 -11.46 2.12
CA CYS A 14 -12.10 -10.67 2.25
C CYS A 14 -12.79 -10.81 3.60
N ASP A 15 -12.18 -10.22 4.62
N ASP A 15 -12.14 -10.32 4.65
CA ASP A 15 -12.67 -10.25 5.99
CA ASP A 15 -12.75 -10.25 5.97
C ASP A 15 -12.43 -8.88 6.62
C ASP A 15 -12.47 -8.87 6.56
N PRO A 16 -13.45 -8.29 7.28
CA PRO A 16 -13.29 -6.96 7.88
C PRO A 16 -12.16 -6.87 8.92
N ASN A 17 -11.79 -7.99 9.51
CA ASN A 17 -10.73 -8.05 10.52
C ASN A 17 -9.34 -8.35 9.95
N THR A 18 -9.22 -8.36 8.63
CA THR A 18 -7.91 -8.46 7.98
C THR A 18 -6.96 -7.37 8.48
N THR A 19 -5.66 -7.64 8.46
CA THR A 19 -4.67 -6.60 8.76
C THR A 19 -4.01 -6.09 7.48
N THR A 20 -4.59 -6.47 6.33
CA THR A 20 -4.14 -6.00 5.02
C THR A 20 -5.01 -4.84 4.51
N SER A 21 -4.34 -3.77 4.10
CA SER A 21 -4.98 -2.64 3.45
C SER A 21 -4.58 -2.60 1.99
N HIS A 22 -5.54 -2.36 1.09
CA HIS A 22 -5.27 -2.28 -0.34
C HIS A 22 -5.23 -0.86 -0.83
N GLN A 23 -4.19 -0.51 -1.57
CA GLN A 23 -4.16 0.79 -2.23
C GLN A 23 -4.83 0.66 -3.59
N LEU A 24 -5.79 1.55 -3.85
CA LEU A 24 -6.46 1.62 -5.14
C LEU A 24 -6.19 2.95 -5.79
N LEU A 25 -6.05 2.93 -7.12
CA LEU A 25 -5.77 4.12 -7.91
C LEU A 25 -7.00 4.58 -8.68
N PHE A 26 -7.17 5.89 -8.77
CA PHE A 26 -8.30 6.48 -9.49
C PHE A 26 -7.82 7.66 -10.32
N GLY A 27 -8.68 8.13 -11.20
CA GLY A 27 -8.38 9.30 -11.99
C GLY A 27 -8.23 10.55 -11.16
N PHE A 28 -7.45 11.50 -11.67
CA PHE A 28 -7.26 12.79 -11.02
C PHE A 28 -8.62 13.49 -10.86
N GLY A 29 -8.79 14.18 -9.74
CA GLY A 29 -10.02 14.92 -9.49
C GLY A 29 -11.20 14.04 -9.10
N SER A 30 -10.93 12.78 -8.76
CA SER A 30 -11.98 11.91 -8.26
C SER A 30 -12.43 12.39 -6.88
N PRO A 31 -13.72 12.21 -6.57
CA PRO A 31 -14.12 12.33 -5.17
C PRO A 31 -13.44 11.21 -4.40
N ILE A 32 -13.44 11.29 -3.07
CA ILE A 32 -12.88 10.23 -2.26
C ILE A 32 -13.79 9.02 -2.38
N VAL A 33 -13.36 8.06 -3.21
CA VAL A 33 -14.18 6.90 -3.51
C VAL A 33 -14.45 6.12 -2.22
N GLN A 34 -15.73 5.92 -1.91
CA GLN A 34 -16.14 5.43 -0.60
C GLN A 34 -16.15 3.91 -0.48
N SER A 35 -16.69 3.26 -1.51
CA SER A 35 -16.80 1.81 -1.54
C SER A 35 -16.47 1.31 -2.93
N VAL A 36 -15.69 0.23 -2.99
CA VAL A 36 -15.24 -0.35 -4.25
C VAL A 36 -15.40 -1.85 -4.19
N LEU A 37 -16.01 -2.41 -5.23
CA LEU A 37 -16.03 -3.86 -5.41
C LEU A 37 -14.74 -4.26 -6.12
N PHE A 38 -13.81 -4.78 -5.33
CA PHE A 38 -12.46 -5.08 -5.80
C PHE A 38 -12.24 -6.58 -5.74
N ASP A 39 -12.05 -7.18 -6.91
CA ASP A 39 -11.82 -8.61 -7.02
C ASP A 39 -12.89 -9.42 -6.26
N GLY A 40 -14.13 -8.95 -6.36
CA GLY A 40 -15.28 -9.61 -5.74
C GLY A 40 -15.54 -9.24 -4.29
N CYS A 41 -14.63 -8.47 -3.69
CA CYS A 41 -14.70 -8.09 -2.28
C CYS A 41 -15.09 -6.63 -2.15
N MET A 42 -16.10 -6.35 -1.33
CA MET A 42 -16.49 -4.97 -1.11
C MET A 42 -15.59 -4.29 -0.09
N LEU A 43 -14.91 -3.25 -0.53
CA LEU A 43 -13.95 -2.51 0.30
C LEU A 43 -14.46 -1.11 0.59
N ASP A 44 -14.16 -0.63 1.79
CA ASP A 44 -14.47 0.75 2.17
C ASP A 44 -13.19 1.54 2.43
N ILE A 45 -13.22 2.82 2.08
CA ILE A 45 -12.12 3.74 2.36
C ILE A 45 -11.78 3.78 3.85
N GLU A 46 -10.48 3.78 4.16
CA GLU A 46 -10.03 3.86 5.54
C GLU A 46 -9.96 5.31 6.00
N LYS A 47 -10.22 5.50 7.29
CA LYS A 47 -10.15 6.81 7.91
C LYS A 47 -9.37 6.67 9.20
N ASP A 48 -8.41 7.57 9.42
CA ASP A 48 -7.67 7.58 10.69
C ASP A 48 -7.86 8.95 11.37
N ASP A 49 -7.03 9.26 12.36
CA ASP A 49 -7.17 10.51 13.13
C ASP A 49 -7.01 11.78 12.31
N TYR A 50 -6.47 11.64 11.10
CA TYR A 50 -6.21 12.80 10.24
C TYR A 50 -7.17 12.90 9.06
N GLY A 51 -8.14 11.98 9.00
CA GLY A 51 -9.16 11.99 7.96
C GLY A 51 -9.05 10.76 7.08
N PHE A 52 -9.72 10.79 5.93
CA PHE A 52 -9.62 9.69 5.00
C PHE A 52 -8.18 9.51 4.54
N VAL A 53 -7.76 8.25 4.42
CA VAL A 53 -6.40 7.95 3.98
C VAL A 53 -6.39 7.94 2.45
N TRP A 54 -6.25 9.15 1.90
CA TRP A 54 -6.52 9.45 0.50
C TRP A 54 -5.72 10.65 0.09
N SER A 55 -5.17 10.63 -1.12
CA SER A 55 -4.54 11.83 -1.68
C SER A 55 -4.56 11.80 -3.20
N CYS A 56 -4.49 12.98 -3.81
CA CYS A 56 -4.33 13.10 -5.26
C CYS A 56 -2.97 13.73 -5.56
N LEU A 57 -2.30 13.21 -6.59
N LEU A 57 -2.30 13.21 -6.59
CA LEU A 57 -0.94 13.61 -6.95
CA LEU A 57 -0.94 13.60 -6.95
C LEU A 57 -0.84 13.96 -8.43
C LEU A 57 -0.83 13.94 -8.43
N SER A 58 0.11 14.82 -8.76
CA SER A 58 0.44 15.14 -10.15
C SER A 58 1.96 15.14 -10.26
N ASN A 59 2.50 14.07 -10.83
CA ASN A 59 3.96 13.88 -10.88
C ASN A 59 4.39 12.99 -12.05
N GLU A 60 5.58 12.40 -11.93
CA GLU A 60 6.13 11.50 -12.96
C GLU A 60 5.28 10.26 -13.23
N ASN A 61 4.42 9.91 -12.28
CA ASN A 61 3.46 8.82 -12.45
C ASN A 61 2.11 9.32 -13.00
N GLY A 62 2.12 10.55 -13.51
CA GLY A 62 0.91 11.15 -14.09
C GLY A 62 0.04 11.84 -13.06
N ASP A 63 -1.20 12.09 -13.43
CA ASP A 63 -2.18 12.72 -12.55
C ASP A 63 -3.17 11.65 -12.08
N TYR A 64 -3.22 11.44 -10.77
CA TYR A 64 -4.03 10.36 -10.22
C TYR A 64 -4.36 10.59 -8.76
N CYS A 65 -5.28 9.79 -8.26
CA CYS A 65 -5.60 9.74 -6.84
C CYS A 65 -5.42 8.32 -6.30
N LYS A 66 -5.19 8.23 -5.00
CA LYS A 66 -5.01 6.95 -4.34
C LYS A 66 -5.68 6.96 -2.99
N GLY A 67 -6.21 5.81 -2.61
CA GLY A 67 -6.80 5.60 -1.28
C GLY A 67 -6.43 4.25 -0.72
N LEU A 68 -6.51 4.13 0.61
N LEU A 68 -6.57 4.12 0.60
CA LEU A 68 -6.35 2.84 1.30
CA LEU A 68 -6.34 2.86 1.30
C LEU A 68 -7.70 2.27 1.65
C LEU A 68 -7.68 2.26 1.70
N TYR A 69 -7.88 0.97 1.40
CA TYR A 69 -9.17 0.29 1.52
C TYR A 69 -9.08 -1.03 2.27
N LYS A 70 -10.13 -1.33 3.03
N LYS A 70 -10.12 -1.32 3.05
CA LYS A 70 -10.26 -2.61 3.73
CA LYS A 70 -10.26 -2.61 3.73
C LYS A 70 -11.67 -3.16 3.54
C LYS A 70 -11.66 -3.17 3.52
N PRO A 71 -11.82 -4.51 3.59
CA PRO A 71 -13.15 -5.12 3.41
C PRO A 71 -14.15 -4.67 4.47
N ARG A 72 -15.41 -4.48 4.04
N ARG A 72 -15.41 -4.48 4.04
CA ARG A 72 -16.47 -4.19 4.98
CA ARG A 72 -16.49 -4.20 4.97
C ARG A 72 -17.04 -5.51 5.48
C ARG A 72 -17.04 -5.52 5.49
N PHE A 73 -17.91 -5.43 6.49
CA PHE A 73 -18.53 -6.61 7.08
C PHE A 73 -19.43 -7.37 6.10
N THR A 74 -20.30 -6.64 5.40
CA THR A 74 -21.26 -7.25 4.48
C THR A 74 -20.59 -7.58 3.15
N GLN A 75 -20.65 -8.86 2.77
CA GLN A 75 -20.10 -9.34 1.51
C GLN A 75 -21.15 -10.11 0.73
N GLY A 76 -20.95 -10.22 -0.59
CA GLY A 76 -21.81 -11.03 -1.45
C GLY A 76 -22.91 -10.27 -2.16
N VAL A 77 -22.95 -8.95 -1.99
CA VAL A 77 -23.90 -8.10 -2.71
C VAL A 77 -23.35 -7.80 -4.10
N SER A 78 -24.21 -7.94 -5.11
CA SER A 78 -23.83 -7.62 -6.48
C SER A 78 -24.50 -6.34 -6.94
N PRO A 79 -23.81 -5.20 -6.79
CA PRO A 79 -24.44 -3.92 -7.12
C PRO A 79 -24.36 -3.59 -8.61
N ASN A 80 -25.36 -2.87 -9.11
CA ASN A 80 -25.31 -2.32 -10.46
C ASN A 80 -24.59 -0.98 -10.43
N TRP A 81 -23.26 -1.07 -10.41
CA TRP A 81 -22.40 0.12 -10.34
C TRP A 81 -21.56 0.25 -11.58
N PRO A 82 -21.12 1.49 -11.89
CA PRO A 82 -20.18 1.69 -12.98
C PRO A 82 -18.78 1.20 -12.63
N MET A 83 -17.95 1.03 -13.64
CA MET A 83 -16.54 0.74 -13.42
C MET A 83 -15.85 1.98 -12.88
N CYS A 84 -14.94 1.78 -11.92
CA CYS A 84 -14.15 2.90 -11.42
C CYS A 84 -13.36 3.53 -12.56
N ASP A 85 -13.26 4.86 -12.54
CA ASP A 85 -12.49 5.57 -13.54
C ASP A 85 -11.07 5.76 -13.03
N LEU A 86 -10.13 5.24 -13.78
CA LEU A 86 -8.71 5.29 -13.43
C LEU A 86 -7.98 6.45 -14.11
N SER A 87 -8.69 7.20 -14.95
CA SER A 87 -8.11 8.31 -15.69
C SER A 87 -8.76 9.67 -15.36
N GLY A 88 -10.09 9.71 -15.45
CA GLY A 88 -10.87 10.88 -15.05
C GLY A 88 -11.58 10.66 -13.73
N ALA A 89 -12.50 11.55 -13.38
CA ALA A 89 -13.14 11.51 -12.07
C ALA A 89 -14.03 10.29 -11.93
N SER A 90 -13.74 9.47 -10.92
CA SER A 90 -14.47 8.24 -10.66
C SER A 90 -15.78 8.48 -9.92
N ALA A 91 -16.74 7.58 -10.09
CA ALA A 91 -17.91 7.53 -9.20
C ALA A 91 -17.43 7.13 -7.80
N GLU A 92 -18.15 7.54 -6.77
N GLU A 92 -18.18 7.54 -6.78
CA GLU A 92 -17.72 7.23 -5.40
CA GLU A 92 -17.83 7.27 -5.38
C GLU A 92 -18.12 5.84 -4.93
C GLU A 92 -18.09 5.83 -4.96
N ARG A 93 -18.89 5.12 -5.73
CA ARG A 93 -19.14 3.69 -5.53
C ARG A 93 -19.00 3.03 -6.88
N CYS A 94 -18.06 2.10 -7.00
CA CYS A 94 -17.73 1.57 -8.32
C CYS A 94 -17.10 0.19 -8.25
N ILE A 95 -17.08 -0.49 -9.40
CA ILE A 95 -16.46 -1.81 -9.53
C ILE A 95 -15.05 -1.60 -10.08
N TYR A 96 -14.04 -2.13 -9.38
CA TYR A 96 -12.66 -1.93 -9.83
C TYR A 96 -12.28 -2.82 -11.01
N PRO A 97 -11.57 -2.26 -12.01
CA PRO A 97 -11.09 -3.06 -13.14
C PRO A 97 -9.76 -3.77 -12.85
N TYR A 98 -9.78 -4.70 -11.91
CA TYR A 98 -8.57 -5.43 -11.48
C TYR A 98 -8.20 -6.61 -12.39
N CYS A 99 -6.89 -6.81 -12.57
N CYS A 99 -6.90 -6.82 -12.57
CA CYS A 99 -6.34 -7.94 -13.31
CA CYS A 99 -6.39 -7.97 -13.31
C CYS A 99 -4.99 -8.34 -12.73
C CYS A 99 -5.00 -8.37 -12.81
N PRO A 100 -4.79 -9.65 -12.47
CA PRO A 100 -3.51 -10.14 -11.91
C PRO A 100 -2.28 -9.89 -12.80
N GLU A 101 -1.09 -9.98 -12.19
CA GLU A 101 0.18 -9.75 -12.88
C GLU A 101 0.46 -10.76 -13.98
N GLY A 102 0.89 -10.24 -15.13
CA GLY A 102 1.20 -11.05 -16.31
C GLY A 102 0.02 -11.83 -16.84
N GLU A 103 -1.18 -11.26 -16.71
CA GLU A 103 -2.42 -11.93 -17.08
C GLU A 103 -3.31 -11.03 -17.92
N ASN B 36 19.95 -19.70 -9.76
CA ASN B 36 20.76 -20.28 -10.87
C ASN B 36 22.20 -20.57 -10.44
N ASN B 37 22.81 -19.60 -9.76
CA ASN B 37 24.17 -19.77 -9.24
C ASN B 37 24.32 -19.02 -7.91
N ALA B 38 25.31 -19.42 -7.12
CA ALA B 38 25.52 -18.87 -5.79
C ALA B 38 25.84 -17.37 -5.83
N ALA B 39 26.60 -16.95 -6.84
CA ALA B 39 26.99 -15.55 -6.96
C ALA B 39 25.77 -14.65 -7.16
N ARG B 40 24.83 -15.12 -7.97
CA ARG B 40 23.59 -14.36 -8.22
C ARG B 40 22.74 -14.29 -6.95
N GLN B 41 22.66 -15.39 -6.22
CA GLN B 41 21.94 -15.41 -4.94
C GLN B 41 22.50 -14.39 -3.96
N GLN B 42 23.83 -14.25 -3.92
CA GLN B 42 24.49 -13.25 -3.08
C GLN B 42 24.11 -11.84 -3.49
N PHE B 43 24.09 -11.59 -4.79
CA PHE B 43 23.73 -10.28 -5.31
C PHE B 43 22.28 -9.92 -4.96
N VAL B 44 21.37 -10.88 -5.16
CA VAL B 44 19.95 -10.67 -4.85
C VAL B 44 19.76 -10.38 -3.36
N THR B 45 20.39 -11.18 -2.51
CA THR B 45 20.30 -10.97 -1.06
C THR B 45 20.80 -9.58 -0.66
N SER B 46 21.93 -9.17 -1.24
CA SER B 46 22.50 -7.84 -0.99
C SER B 46 21.55 -6.73 -1.42
N GLU B 47 21.00 -6.86 -2.62
CA GLU B 47 20.09 -5.86 -3.18
C GLU B 47 18.77 -5.73 -2.41
N VAL B 48 18.24 -6.85 -1.94
CA VAL B 48 17.05 -6.85 -1.10
C VAL B 48 17.30 -6.08 0.21
N GLY B 49 18.49 -6.25 0.78
CA GLY B 49 18.88 -5.49 1.96
C GLY B 49 18.98 -4.00 1.67
N ARG B 50 19.59 -3.67 0.54
CA ARG B 50 19.82 -2.28 0.15
C ARG B 50 18.51 -1.54 -0.12
N TYR B 51 17.65 -2.14 -0.94
CA TYR B 51 16.35 -1.54 -1.24
C TYR B 51 15.41 -1.56 -0.04
N GLY B 52 15.47 -2.62 0.75
CA GLY B 52 14.73 -2.67 2.01
C GLY B 52 15.02 -1.47 2.89
N ALA B 53 16.30 -1.12 3.02
CA ALA B 53 16.71 0.04 3.78
C ALA B 53 16.21 1.35 3.17
N ILE B 54 16.25 1.44 1.83
CA ILE B 54 15.72 2.61 1.13
C ILE B 54 14.22 2.77 1.43
N TYR B 55 13.48 1.68 1.34
CA TYR B 55 12.03 1.70 1.61
C TYR B 55 11.71 2.11 3.04
N THR B 56 12.46 1.58 3.99
CA THR B 56 12.27 1.86 5.40
C THR B 56 12.52 3.34 5.70
N GLN B 57 13.54 3.92 5.06
CA GLN B 57 13.83 5.34 5.18
C GLN B 57 12.72 6.21 4.59
N LEU B 58 12.18 5.80 3.44
CA LEU B 58 11.08 6.54 2.82
C LEU B 58 9.86 6.58 3.74
N ILE B 59 9.57 5.45 4.40
CA ILE B 59 8.45 5.38 5.34
C ILE B 59 8.73 6.24 6.57
N ARG B 60 9.95 6.13 7.11
CA ARG B 60 10.35 6.90 8.28
C ARG B 60 10.26 8.41 8.07
N GLN B 61 10.64 8.87 6.88
CA GLN B 61 10.56 10.29 6.52
C GLN B 61 9.15 10.86 6.59
N ASN B 62 8.15 10.02 6.35
CA ASN B 62 6.76 10.44 6.33
C ASN B 62 6.07 10.22 7.67
N LEU B 63 6.74 9.50 8.57
CA LEU B 63 6.17 9.10 9.83
C LEU B 63 6.05 10.29 10.79
N LEU B 64 4.84 10.48 11.33
N LEU B 64 4.84 10.47 11.35
CA LEU B 64 4.62 11.50 12.34
CA LEU B 64 4.62 11.52 12.33
C LEU B 64 5.19 11.06 13.68
C LEU B 64 5.14 11.10 13.70
N VAL B 65 6.14 11.85 14.20
CA VAL B 65 6.84 11.54 15.44
C VAL B 65 5.99 11.80 16.70
N GLU B 66 5.88 10.79 17.55
CA GLU B 66 5.21 10.91 18.84
C GLU B 66 6.06 10.24 19.93
N ASP B 67 6.09 10.83 21.11
CA ASP B 67 6.90 10.33 22.23
C ASP B 67 6.59 8.88 22.60
N SER B 68 5.32 8.49 22.47
CA SER B 68 4.87 7.15 22.84
C SER B 68 5.45 6.07 21.92
N PHE B 69 6.02 6.47 20.79
CA PHE B 69 6.62 5.53 19.86
C PHE B 69 8.02 5.10 20.25
N ARG B 70 8.59 5.75 21.28
CA ARG B 70 9.98 5.47 21.67
C ARG B 70 10.19 3.99 21.99
N GLY B 71 11.16 3.39 21.31
CA GLY B 71 11.49 1.99 21.50
C GLY B 71 10.47 1.02 20.95
N LYS B 72 9.46 1.54 20.24
CA LYS B 72 8.42 0.70 19.65
C LYS B 72 8.74 0.40 18.19
N GLN B 73 8.12 -0.64 17.65
N GLN B 73 8.11 -0.63 17.64
CA GLN B 73 8.31 -1.03 16.25
CA GLN B 73 8.29 -1.00 16.25
C GLN B 73 6.98 -1.49 15.64
C GLN B 73 6.96 -1.44 15.65
N CYS B 74 6.89 -1.41 14.32
CA CYS B 74 5.78 -2.00 13.59
C CYS B 74 6.37 -2.83 12.47
N ARG B 75 6.05 -4.12 12.44
CA ARG B 75 6.51 -4.98 11.37
C ARG B 75 5.41 -5.10 10.34
N VAL B 76 5.76 -4.85 9.08
CA VAL B 76 4.80 -4.84 7.99
C VAL B 76 5.28 -5.69 6.81
N ASN B 77 4.33 -6.07 5.96
CA ASN B 77 4.67 -6.61 4.66
C ASN B 77 4.15 -5.64 3.61
N LEU B 78 5.01 -5.32 2.65
N LEU B 78 4.99 -5.33 2.63
CA LEU B 78 4.64 -4.51 1.49
CA LEU B 78 4.59 -4.47 1.51
C LEU B 78 4.50 -5.39 0.26
C LEU B 78 4.55 -5.25 0.22
N LYS B 79 3.40 -5.22 -0.45
CA LYS B 79 3.28 -5.75 -1.80
C LYS B 79 3.28 -4.54 -2.73
N LEU B 80 4.24 -4.53 -3.65
CA LEU B 80 4.49 -3.39 -4.51
C LEU B 80 4.18 -3.73 -5.94
N ILE B 81 3.67 -2.76 -6.68
CA ILE B 81 3.29 -2.94 -8.08
C ILE B 81 4.23 -2.11 -8.96
N PRO B 82 5.00 -2.77 -9.84
CA PRO B 82 5.89 -2.04 -10.75
C PRO B 82 5.11 -1.01 -11.58
N THR B 83 5.62 0.22 -11.60
CA THR B 83 4.94 1.35 -12.22
C THR B 83 6.01 2.20 -12.89
N GLY B 84 6.09 2.11 -14.22
CA GLY B 84 7.17 2.78 -14.95
C GLY B 84 8.53 2.26 -14.52
N THR B 85 9.37 3.16 -14.00
CA THR B 85 10.73 2.80 -13.56
C THR B 85 10.80 2.44 -12.07
N GLY B 86 9.74 2.73 -11.32
CA GLY B 86 9.69 2.43 -9.89
C GLY B 86 8.50 1.53 -9.57
N ALA B 87 7.98 1.68 -8.36
CA ALA B 87 6.85 0.87 -7.91
C ALA B 87 5.94 1.68 -6.99
N LEU B 88 4.65 1.36 -7.03
CA LEU B 88 3.70 1.95 -6.10
C LEU B 88 3.19 0.89 -5.14
N LEU B 89 2.61 1.35 -4.04
CA LEU B 89 2.00 0.45 -3.07
C LEU B 89 0.82 -0.31 -3.67
N GLY B 90 0.84 -1.64 -3.50
CA GLY B 90 -0.29 -2.50 -3.83
C GLY B 90 -1.08 -2.81 -2.59
N SER B 91 -0.42 -3.38 -1.59
CA SER B 91 -1.05 -3.60 -0.29
C SER B 91 -0.06 -3.56 0.86
N LEU B 92 -0.56 -3.22 2.05
N LEU B 92 -0.57 -3.24 2.05
CA LEU B 92 0.24 -3.19 3.27
CA LEU B 92 0.23 -3.19 3.26
C LEU B 92 -0.41 -4.10 4.30
C LEU B 92 -0.41 -4.09 4.31
N THR B 93 0.35 -5.05 4.82
CA THR B 93 -0.14 -5.93 5.88
C THR B 93 0.62 -5.62 7.17
N VAL B 94 -0.12 -5.27 8.21
CA VAL B 94 0.46 -5.07 9.53
C VAL B 94 0.62 -6.43 10.20
N LEU B 95 1.86 -6.82 10.45
CA LEU B 95 2.15 -8.15 11.01
C LEU B 95 2.03 -8.14 12.53
N ASP B 96 2.77 -7.24 13.17
N ASP B 96 2.77 -7.23 13.18
CA ASP B 96 2.69 -7.02 14.63
CA ASP B 96 2.67 -7.01 14.62
C ASP B 96 3.39 -5.73 15.02
C ASP B 96 3.28 -5.67 14.98
N GLY B 97 3.22 -5.34 16.27
CA GLY B 97 3.85 -4.13 16.79
C GLY B 97 2.90 -3.26 17.58
N ASP B 98 3.43 -2.11 18.01
CA ASP B 98 2.67 -1.14 18.77
C ASP B 98 1.51 -0.62 17.93
N SER B 99 0.30 -0.67 18.49
N SER B 99 0.30 -0.67 18.50
N SER B 99 0.30 -0.67 18.50
CA SER B 99 -0.92 -0.30 17.76
CA SER B 99 -0.92 -0.29 17.79
CA SER B 99 -0.92 -0.29 17.79
C SER B 99 -0.90 1.13 17.21
C SER B 99 -0.88 1.12 17.22
C SER B 99 -0.88 1.12 17.22
N ARG B 100 -0.51 2.09 18.04
CA ARG B 100 -0.45 3.50 17.62
C ARG B 100 0.63 3.73 16.56
N LEU B 101 1.80 3.11 16.74
CA LEU B 101 2.85 3.23 15.72
C LEU B 101 2.44 2.56 14.42
N CYS B 102 1.75 1.42 14.50
CA CYS B 102 1.29 0.76 13.28
C CYS B 102 0.28 1.62 12.50
N ALA B 103 -0.59 2.33 13.21
CA ALA B 103 -1.57 3.22 12.56
C ALA B 103 -0.84 4.36 11.84
N ALA B 104 0.13 4.95 12.51
CA ALA B 104 0.96 6.01 11.93
C ALA B 104 1.76 5.48 10.74
N THR B 105 2.24 4.24 10.84
CA THR B 105 2.98 3.60 9.76
C THR B 105 2.13 3.44 8.51
N LYS B 106 0.87 3.02 8.68
N LYS B 106 0.87 3.05 8.70
CA LYS B 106 -0.05 2.87 7.55
CA LYS B 106 -0.10 2.92 7.61
C LYS B 106 -0.20 4.16 6.77
C LYS B 106 -0.20 4.23 6.82
N ARG B 107 -0.44 5.26 7.47
N ARG B 107 -0.43 5.34 7.51
CA ARG B 107 -0.52 6.56 6.80
CA ARG B 107 -0.53 6.63 6.84
C ARG B 107 0.81 6.94 6.14
C ARG B 107 0.80 7.03 6.18
N ALA B 108 1.91 6.70 6.84
CA ALA B 108 3.25 7.01 6.30
C ALA B 108 3.53 6.26 5.01
N VAL B 109 3.17 4.98 4.96
CA VAL B 109 3.32 4.17 3.76
C VAL B 109 2.42 4.72 2.64
N ALA B 110 1.19 5.10 3.00
CA ALA B 110 0.25 5.67 2.03
C ALA B 110 0.73 7.00 1.46
N GLN B 111 1.69 7.63 2.14
CA GLN B 111 2.19 8.95 1.73
C GLN B 111 3.49 8.92 0.94
N VAL B 112 4.07 7.72 0.78
CA VAL B 112 5.27 7.57 -0.04
C VAL B 112 4.87 7.77 -1.51
N ASN B 113 5.58 8.66 -2.20
CA ASN B 113 5.29 8.94 -3.62
C ASN B 113 5.53 7.75 -4.53
N SER B 114 6.69 7.11 -4.35
N SER B 114 6.70 7.12 -4.38
CA SER B 114 7.12 5.98 -5.18
CA SER B 114 7.02 5.89 -5.10
C SER B 114 8.22 5.20 -4.45
C SER B 114 8.18 5.19 -4.43
N PHE B 115 8.32 3.91 -4.75
CA PHE B 115 9.39 3.07 -4.19
C PHE B 115 10.30 2.70 -5.37
N PRO B 116 11.60 2.98 -5.25
CA PRO B 116 12.51 2.70 -6.36
C PRO B 116 12.70 1.21 -6.63
N LEU B 117 12.96 0.87 -7.89
CA LEU B 117 13.33 -0.48 -8.30
C LEU B 117 14.58 -0.45 -9.16
N PRO B 118 15.38 -1.53 -9.13
CA PRO B 118 16.55 -1.59 -10.02
C PRO B 118 16.13 -1.80 -11.47
N LYS B 119 16.93 -1.28 -12.40
CA LYS B 119 16.66 -1.44 -13.81
C LYS B 119 17.21 -2.78 -14.31
N ASP B 120 16.38 -3.51 -15.05
CA ASP B 120 16.76 -4.79 -15.67
C ASP B 120 17.33 -5.82 -14.69
N GLN B 121 16.72 -5.92 -13.52
CA GLN B 121 17.07 -6.96 -12.54
C GLN B 121 15.81 -7.66 -12.07
N PRO B 122 15.16 -8.46 -12.96
CA PRO B 122 13.84 -9.02 -12.66
C PRO B 122 13.80 -9.93 -11.44
N ASP B 123 14.87 -10.68 -11.19
CA ASP B 123 14.92 -11.58 -10.03
C ASP B 123 14.90 -10.81 -8.71
N VAL B 124 15.57 -9.65 -8.69
CA VAL B 124 15.56 -8.75 -7.53
C VAL B 124 14.17 -8.14 -7.36
N VAL B 125 13.58 -7.69 -8.47
CA VAL B 125 12.23 -7.10 -8.44
C VAL B 125 11.21 -8.07 -7.85
N GLU B 126 11.30 -9.35 -8.18
CA GLU B 126 10.42 -10.38 -7.63
C GLU B 126 10.41 -10.41 -6.09
N LYS B 127 11.58 -10.26 -5.49
N LYS B 127 11.59 -10.24 -5.49
CA LYS B 127 11.69 -10.22 -4.03
CA LYS B 127 11.71 -10.21 -4.04
C LYS B 127 11.23 -8.87 -3.46
C LYS B 127 11.23 -8.88 -3.46
N LEU B 128 11.54 -7.79 -4.16
CA LEU B 128 11.15 -6.44 -3.72
C LEU B 128 9.64 -6.18 -3.75
N LYS B 129 8.94 -6.91 -4.62
N LYS B 129 8.95 -6.92 -4.63
CA LYS B 129 7.48 -6.77 -4.77
CA LYS B 129 7.49 -6.81 -4.78
C LYS B 129 6.70 -7.38 -3.61
C LYS B 129 6.71 -7.37 -3.60
N ASN B 130 7.39 -8.15 -2.75
CA ASN B 130 6.76 -8.80 -1.60
C ASN B 130 7.77 -8.83 -0.46
N ILE B 131 7.82 -7.76 0.31
CA ILE B 131 8.93 -7.52 1.23
C ILE B 131 8.50 -7.19 2.65
N ASN B 132 9.13 -7.86 3.62
CA ASN B 132 8.90 -7.58 5.04
C ASN B 132 9.85 -6.50 5.53
N LEU B 133 9.28 -5.51 6.21
CA LEU B 133 10.06 -4.39 6.75
C LEU B 133 9.74 -4.14 8.22
N THR B 134 10.72 -3.62 8.94
CA THR B 134 10.49 -3.20 10.32
C THR B 134 10.61 -1.68 10.40
N VAL B 135 9.53 -1.04 10.83
N VAL B 135 9.56 -1.03 10.87
CA VAL B 135 9.46 0.40 10.92
CA VAL B 135 9.56 0.41 11.09
C VAL B 135 9.57 0.84 12.38
C VAL B 135 9.74 0.74 12.57
N ALA B 136 10.46 1.78 12.63
N ALA B 136 10.92 1.23 12.92
CA ALA B 136 10.62 2.35 13.96
CA ALA B 136 11.26 1.51 14.31
C ALA B 136 10.93 3.83 13.83
C ALA B 136 11.99 2.85 14.44
N PRO B 137 10.67 4.60 14.89
N PRO B 137 11.24 3.93 14.74
CA PRO B 137 11.00 6.01 14.87
CA PRO B 137 11.80 5.26 14.81
C PRO B 137 12.45 6.21 15.26
C PRO B 137 13.26 5.24 15.28
#